data_2MPJ
#
_entry.id   2MPJ
#
loop_
_entity.id
_entity.type
_entity.pdbx_description
1 polymer 'RECQL4-helicase-like protein'
2 non-polymer 'ZINC ION'
#
_entity_poly.entity_id   1
_entity_poly.type   'polypeptide(L)'
_entity_poly.pdbx_seq_one_letter_code
;NRSGDTCFRCGGMGHWASQCPGSVP
;
_entity_poly.pdbx_strand_id   A
#
loop_
_chem_comp.id
_chem_comp.type
_chem_comp.name
_chem_comp.formula
ZN non-polymer 'ZINC ION' 'Zn 2'
#
# COMPACT_ATOMS: atom_id res chain seq x y z
N ASN A 1 -5.68 -4.81 6.05
CA ASN A 1 -6.49 -6.06 6.14
C ASN A 1 -7.02 -6.27 7.55
N ARG A 2 -6.14 -6.70 8.44
CA ARG A 2 -6.51 -7.01 9.82
C ARG A 2 -6.04 -5.91 10.75
N SER A 3 -5.60 -4.81 10.17
CA SER A 3 -5.08 -3.69 10.93
C SER A 3 -5.41 -2.40 10.19
N GLY A 4 -4.91 -1.28 10.70
CA GLY A 4 -5.14 -0.01 10.05
C GLY A 4 -4.08 0.30 9.03
N ASP A 5 -3.70 -0.72 8.25
CA ASP A 5 -2.66 -0.58 7.25
C ASP A 5 -3.19 0.14 6.01
N THR A 6 -3.43 1.43 6.18
CA THR A 6 -3.83 2.29 5.08
C THR A 6 -2.58 2.85 4.41
N CYS A 7 -2.38 2.48 3.16
CA CYS A 7 -1.20 2.86 2.41
C CYS A 7 -1.31 4.31 1.95
N PHE A 8 -0.70 5.21 2.70
CA PHE A 8 -0.84 6.64 2.48
C PHE A 8 -0.16 7.13 1.20
N ARG A 9 0.77 6.34 0.67
CA ARG A 9 1.51 6.77 -0.52
C ARG A 9 0.67 6.65 -1.79
N CYS A 10 -0.10 5.58 -1.91
CA CYS A 10 -0.90 5.37 -3.11
C CYS A 10 -2.36 5.71 -2.85
N GLY A 11 -2.74 5.75 -1.58
CA GLY A 11 -4.12 6.00 -1.23
C GLY A 11 -4.91 4.72 -1.05
N GLY A 12 -4.24 3.59 -1.28
CA GLY A 12 -4.87 2.30 -1.13
C GLY A 12 -4.66 1.74 0.26
N MET A 13 -4.82 0.44 0.39
CA MET A 13 -4.58 -0.24 1.66
C MET A 13 -4.11 -1.65 1.40
N GLY A 14 -3.68 -2.35 2.45
CA GLY A 14 -3.32 -3.75 2.30
C GLY A 14 -1.82 -3.95 2.18
N HIS A 15 -1.12 -2.90 1.78
CA HIS A 15 0.33 -2.98 1.65
C HIS A 15 0.98 -1.74 2.25
N TRP A 16 2.29 -1.80 2.42
CA TRP A 16 3.03 -0.71 3.00
C TRP A 16 3.48 0.25 1.91
N ALA A 17 3.57 1.53 2.29
CA ALA A 17 3.83 2.64 1.37
C ALA A 17 5.02 2.43 0.45
N SER A 18 6.00 1.65 0.89
CA SER A 18 7.20 1.45 0.08
C SER A 18 6.99 0.37 -0.97
N GLN A 19 5.83 -0.27 -0.96
CA GLN A 19 5.57 -1.39 -1.85
C GLN A 19 4.49 -1.06 -2.87
N CYS A 20 4.24 0.22 -3.10
CA CYS A 20 3.26 0.64 -4.08
C CYS A 20 3.75 0.31 -5.49
N PRO A 21 2.86 -0.18 -6.37
CA PRO A 21 3.21 -0.47 -7.76
C PRO A 21 3.40 0.82 -8.57
N GLY A 22 4.57 0.98 -9.16
CA GLY A 22 4.84 2.18 -9.94
C GLY A 22 6.05 2.05 -10.85
N SER A 23 6.71 0.91 -10.83
CA SER A 23 7.85 0.68 -11.71
C SER A 23 7.38 0.63 -13.16
N VAL A 24 6.42 -0.25 -13.41
CA VAL A 24 5.73 -0.30 -14.68
C VAL A 24 4.25 -0.05 -14.45
N PRO A 25 3.78 1.18 -14.69
CA PRO A 25 2.38 1.57 -14.47
C PRO A 25 1.40 0.68 -15.23
ZN ZN B . 0.65 1.61 -1.61
N ASN A 1 -4.36 -10.40 13.49
CA ASN A 1 -4.46 -10.39 12.02
C ASN A 1 -3.84 -9.11 11.47
N ARG A 2 -3.59 -9.08 10.17
CA ARG A 2 -3.02 -7.91 9.54
C ARG A 2 -3.98 -7.32 8.52
N SER A 3 -4.91 -6.50 9.01
CA SER A 3 -5.85 -5.82 8.14
C SER A 3 -5.80 -4.32 8.40
N GLY A 4 -4.74 -3.89 9.07
CA GLY A 4 -4.56 -2.48 9.35
C GLY A 4 -3.33 -1.94 8.67
N ASP A 5 -3.12 -2.36 7.43
CA ASP A 5 -1.97 -1.94 6.65
C ASP A 5 -2.40 -0.83 5.70
N THR A 6 -2.16 0.41 6.08
CA THR A 6 -2.59 1.56 5.28
C THR A 6 -1.43 2.10 4.46
N CYS A 7 -1.70 2.41 3.20
CA CYS A 7 -0.69 2.96 2.32
C CYS A 7 -1.02 4.41 1.98
N PHE A 8 -0.41 5.33 2.70
CA PHE A 8 -0.72 6.74 2.54
C PHE A 8 -0.06 7.35 1.30
N ARG A 9 0.79 6.58 0.62
CA ARG A 9 1.47 7.08 -0.57
C ARG A 9 0.64 6.88 -1.83
N CYS A 10 -0.12 5.80 -1.90
CA CYS A 10 -0.96 5.57 -3.08
C CYS A 10 -2.45 5.68 -2.71
N GLY A 11 -2.73 5.59 -1.42
CA GLY A 11 -4.12 5.67 -0.97
C GLY A 11 -4.77 4.31 -0.86
N GLY A 12 -4.07 3.27 -1.28
CA GLY A 12 -4.63 1.94 -1.24
C GLY A 12 -4.47 1.29 0.12
N MET A 13 -5.27 0.27 0.37
CA MET A 13 -5.21 -0.44 1.64
C MET A 13 -4.74 -1.86 1.41
N GLY A 14 -3.86 -2.34 2.28
CA GLY A 14 -3.38 -3.71 2.15
C GLY A 14 -1.86 -3.80 2.12
N HIS A 15 -1.21 -2.75 1.63
CA HIS A 15 0.25 -2.75 1.57
C HIS A 15 0.79 -1.44 2.14
N TRP A 16 2.09 -1.41 2.35
CA TRP A 16 2.73 -0.25 2.96
C TRP A 16 3.37 0.66 1.93
N ALA A 17 3.64 1.89 2.36
CA ALA A 17 4.07 3.00 1.49
C ALA A 17 5.15 2.63 0.48
N SER A 18 6.16 1.89 0.89
CA SER A 18 7.28 1.59 0.00
C SER A 18 7.08 0.26 -0.73
N GLN A 19 5.84 -0.19 -0.87
CA GLN A 19 5.55 -1.45 -1.53
C GLN A 19 4.49 -1.30 -2.62
N CYS A 20 4.29 -0.07 -3.09
CA CYS A 20 3.26 0.19 -4.10
C CYS A 20 3.56 -0.55 -5.41
N PRO A 21 2.59 -1.35 -5.90
CA PRO A 21 2.76 -2.13 -7.13
C PRO A 21 2.60 -1.28 -8.40
N GLY A 22 2.84 -1.91 -9.55
CA GLY A 22 2.73 -1.20 -10.81
C GLY A 22 4.01 -1.29 -11.62
N SER A 23 5.06 -0.71 -11.07
CA SER A 23 6.36 -0.71 -11.75
C SER A 23 7.22 -1.87 -11.26
N VAL A 24 7.18 -2.11 -9.95
CA VAL A 24 7.98 -3.17 -9.34
C VAL A 24 7.53 -4.55 -9.82
N PRO A 25 8.47 -5.49 -9.97
CA PRO A 25 8.17 -6.86 -10.39
C PRO A 25 7.40 -7.63 -9.31
ZN ZN B . 0.82 1.75 -1.94
N ASN A 1 -5.67 2.10 8.60
CA ASN A 1 -6.30 2.39 9.91
C ASN A 1 -7.41 1.40 10.23
N ARG A 2 -8.63 1.73 9.80
CA ARG A 2 -9.79 0.91 10.14
C ARG A 2 -9.76 -0.41 9.39
N SER A 3 -9.16 -0.40 8.21
CA SER A 3 -9.07 -1.59 7.38
C SER A 3 -7.69 -2.22 7.49
N GLY A 4 -6.98 -1.89 8.56
CA GLY A 4 -5.66 -2.46 8.75
C GLY A 4 -4.57 -1.55 8.22
N ASP A 5 -3.69 -2.11 7.39
CA ASP A 5 -2.54 -1.38 6.89
C ASP A 5 -2.94 -0.47 5.73
N THR A 6 -3.02 0.83 5.99
CA THR A 6 -3.31 1.78 4.94
C THR A 6 -2.03 2.32 4.32
N CYS A 7 -2.08 2.55 3.02
CA CYS A 7 -0.93 2.98 2.28
C CYS A 7 -1.06 4.44 1.89
N PHE A 8 -0.43 5.31 2.67
CA PHE A 8 -0.61 6.76 2.54
C PHE A 8 0.08 7.33 1.30
N ARG A 9 0.80 6.50 0.57
CA ARG A 9 1.51 6.97 -0.61
C ARG A 9 0.72 6.75 -1.90
N CYS A 10 -0.20 5.79 -1.89
CA CYS A 10 -1.03 5.54 -3.06
C CYS A 10 -2.50 5.73 -2.74
N GLY A 11 -2.83 5.72 -1.46
CA GLY A 11 -4.21 5.85 -1.04
C GLY A 11 -4.89 4.51 -0.87
N GLY A 12 -4.19 3.45 -1.26
CA GLY A 12 -4.74 2.11 -1.18
C GLY A 12 -4.62 1.52 0.20
N MET A 13 -4.97 0.26 0.34
CA MET A 13 -4.90 -0.43 1.61
C MET A 13 -4.47 -1.88 1.38
N GLY A 14 -3.77 -2.45 2.33
CA GLY A 14 -3.34 -3.83 2.21
C GLY A 14 -1.83 -3.95 2.12
N HIS A 15 -1.18 -2.88 1.71
CA HIS A 15 0.27 -2.86 1.58
C HIS A 15 0.83 -1.58 2.17
N TRP A 16 2.13 -1.57 2.41
CA TRP A 16 2.80 -0.41 2.99
C TRP A 16 3.37 0.49 1.90
N ALA A 17 3.57 1.74 2.29
CA ALA A 17 3.87 2.84 1.38
C ALA A 17 5.07 2.57 0.47
N SER A 18 6.04 1.81 0.96
CA SER A 18 7.26 1.55 0.20
C SER A 18 7.12 0.29 -0.67
N GLN A 19 5.92 -0.25 -0.77
CA GLN A 19 5.70 -1.48 -1.54
C GLN A 19 4.59 -1.30 -2.57
N CYS A 20 4.30 -0.05 -2.95
CA CYS A 20 3.27 0.24 -3.95
C CYS A 20 3.57 -0.44 -5.28
N PRO A 21 2.61 -1.21 -5.81
CA PRO A 21 2.71 -1.71 -7.18
C PRO A 21 2.78 -0.54 -8.14
N GLY A 22 3.86 -0.47 -8.90
CA GLY A 22 4.11 0.68 -9.74
C GLY A 22 5.49 1.24 -9.46
N SER A 23 5.78 1.47 -8.19
CA SER A 23 7.11 1.84 -7.77
C SER A 23 7.91 0.58 -7.46
N VAL A 24 7.20 -0.47 -7.07
CA VAL A 24 7.78 -1.77 -6.82
C VAL A 24 7.08 -2.82 -7.67
N PRO A 25 7.80 -3.43 -8.63
CA PRO A 25 7.25 -4.50 -9.46
C PRO A 25 7.13 -5.81 -8.69
ZN ZN B . 0.73 1.70 -1.85
N ASN A 1 -3.18 -7.28 12.41
CA ASN A 1 -2.17 -7.06 11.35
C ASN A 1 -2.72 -7.53 10.01
N ARG A 2 -2.20 -6.94 8.94
CA ARG A 2 -2.62 -7.26 7.58
C ARG A 2 -4.13 -7.10 7.40
N SER A 3 -4.65 -6.03 7.98
CA SER A 3 -6.06 -5.69 7.85
C SER A 3 -6.25 -4.18 7.95
N GLY A 4 -5.27 -3.52 8.55
CA GLY A 4 -5.28 -2.07 8.62
C GLY A 4 -4.05 -1.48 7.98
N ASP A 5 -3.62 -2.07 6.87
CA ASP A 5 -2.42 -1.61 6.17
C ASP A 5 -2.73 -0.37 5.35
N THR A 6 -2.64 0.78 5.99
CA THR A 6 -2.94 2.04 5.33
C THR A 6 -1.73 2.53 4.53
N CYS A 7 -1.89 2.58 3.21
CA CYS A 7 -0.82 3.04 2.36
C CYS A 7 -1.03 4.48 1.96
N PHE A 8 -0.38 5.38 2.68
CA PHE A 8 -0.55 6.81 2.47
C PHE A 8 0.15 7.31 1.20
N ARG A 9 0.87 6.41 0.53
CA ARG A 9 1.60 6.79 -0.67
C ARG A 9 0.71 6.68 -1.92
N CYS A 10 -0.18 5.71 -1.94
CA CYS A 10 -1.06 5.53 -3.08
C CYS A 10 -2.52 5.73 -2.69
N GLY A 11 -2.79 5.68 -1.39
CA GLY A 11 -4.15 5.82 -0.91
C GLY A 11 -4.84 4.48 -0.77
N GLY A 12 -4.17 3.42 -1.18
CA GLY A 12 -4.77 2.10 -1.15
C GLY A 12 -4.62 1.43 0.20
N MET A 13 -5.07 0.18 0.28
CA MET A 13 -4.96 -0.59 1.51
C MET A 13 -4.37 -1.96 1.20
N GLY A 14 -3.86 -2.62 2.22
CA GLY A 14 -3.32 -3.96 2.03
C GLY A 14 -1.81 -3.98 1.99
N HIS A 15 -1.22 -2.82 1.75
CA HIS A 15 0.23 -2.72 1.68
C HIS A 15 0.68 -1.37 2.23
N TRP A 16 1.98 -1.24 2.43
CA TRP A 16 2.54 -0.04 3.02
C TRP A 16 3.33 0.79 2.01
N ALA A 17 3.70 1.98 2.45
CA ALA A 17 4.30 3.02 1.60
C ALA A 17 5.25 2.49 0.53
N SER A 18 6.32 1.82 0.93
CA SER A 18 7.39 1.47 0.00
C SER A 18 7.13 0.13 -0.69
N GLN A 19 5.87 -0.24 -0.85
CA GLN A 19 5.53 -1.50 -1.50
C GLN A 19 4.43 -1.32 -2.55
N CYS A 20 4.20 -0.08 -3.00
CA CYS A 20 3.15 0.20 -3.98
C CYS A 20 3.41 -0.56 -5.28
N PRO A 21 2.46 -1.42 -5.70
CA PRO A 21 2.56 -2.17 -6.96
C PRO A 21 2.78 -1.27 -8.16
N GLY A 22 3.45 -1.80 -9.18
CA GLY A 22 3.75 -1.00 -10.35
C GLY A 22 5.21 -0.64 -10.42
N SER A 23 6.04 -1.43 -9.77
CA SER A 23 7.47 -1.22 -9.80
C SER A 23 8.09 -2.15 -10.83
N VAL A 24 8.39 -1.61 -12.00
CA VAL A 24 8.92 -2.42 -13.09
C VAL A 24 10.41 -2.72 -12.88
N PRO A 25 10.84 -3.96 -13.20
CA PRO A 25 12.23 -4.37 -13.06
C PRO A 25 13.02 -4.13 -14.35
ZN ZN B . 0.68 1.74 -1.87
N ASN A 1 -0.28 -11.43 8.26
CA ASN A 1 -1.51 -11.19 9.03
C ASN A 1 -1.86 -9.70 9.05
N ARG A 2 -0.84 -8.85 9.17
CA ARG A 2 -1.05 -7.41 9.21
C ARG A 2 -1.18 -6.84 7.80
N SER A 3 -2.38 -6.92 7.24
CA SER A 3 -2.64 -6.39 5.91
C SER A 3 -3.74 -5.33 5.97
N GLY A 4 -4.20 -5.05 7.19
CA GLY A 4 -5.27 -4.09 7.37
C GLY A 4 -4.75 -2.71 7.69
N ASP A 5 -3.76 -2.26 6.92
CA ASP A 5 -3.18 -0.95 7.12
C ASP A 5 -3.23 -0.15 5.82
N THR A 6 -3.47 1.15 5.93
CA THR A 6 -3.61 1.99 4.76
C THR A 6 -2.25 2.47 4.24
N CYS A 7 -2.14 2.48 2.93
CA CYS A 7 -0.92 2.90 2.26
C CYS A 7 -1.02 4.37 1.89
N PHE A 8 -0.44 5.23 2.72
CA PHE A 8 -0.64 6.67 2.62
C PHE A 8 0.00 7.29 1.37
N ARG A 9 0.73 6.50 0.59
CA ARG A 9 1.39 7.03 -0.59
C ARG A 9 0.56 6.85 -1.85
N CYS A 10 -0.19 5.76 -1.93
CA CYS A 10 -1.01 5.52 -3.12
C CYS A 10 -2.49 5.69 -2.78
N GLY A 11 -2.81 5.66 -1.50
CA GLY A 11 -4.19 5.80 -1.07
C GLY A 11 -4.87 4.46 -0.91
N GLY A 12 -4.20 3.40 -1.33
CA GLY A 12 -4.74 2.07 -1.21
C GLY A 12 -4.57 1.52 0.18
N MET A 13 -5.12 0.36 0.44
CA MET A 13 -4.98 -0.29 1.73
C MET A 13 -4.64 -1.76 1.54
N GLY A 14 -3.74 -2.27 2.36
CA GLY A 14 -3.35 -3.66 2.23
C GLY A 14 -1.85 -3.83 2.12
N HIS A 15 -1.16 -2.81 1.65
CA HIS A 15 0.29 -2.87 1.53
C HIS A 15 0.95 -1.67 2.15
N TRP A 16 2.27 -1.76 2.33
CA TRP A 16 3.04 -0.71 2.97
C TRP A 16 3.42 0.36 1.96
N ALA A 17 3.52 1.59 2.46
CA ALA A 17 3.68 2.79 1.64
C ALA A 17 4.88 2.73 0.69
N SER A 18 5.91 1.99 1.05
CA SER A 18 7.11 1.92 0.22
C SER A 18 7.10 0.68 -0.68
N GLN A 19 5.95 0.01 -0.75
CA GLN A 19 5.84 -1.24 -1.50
C GLN A 19 4.70 -1.16 -2.51
N CYS A 20 4.40 0.04 -3.00
CA CYS A 20 3.32 0.23 -3.98
C CYS A 20 3.61 -0.56 -5.25
N PRO A 21 2.76 -1.56 -5.57
CA PRO A 21 2.99 -2.42 -6.73
C PRO A 21 2.57 -1.78 -8.04
N GLY A 22 3.19 -2.21 -9.12
CA GLY A 22 2.81 -1.74 -10.44
C GLY A 22 1.79 -2.66 -11.07
N SER A 23 0.51 -2.37 -10.82
CA SER A 23 -0.57 -3.20 -11.34
C SER A 23 -0.88 -2.83 -12.79
N VAL A 24 0.14 -2.89 -13.63
CA VAL A 24 0.00 -2.55 -15.04
C VAL A 24 0.56 -3.66 -15.92
N PRO A 25 0.05 -3.79 -17.16
CA PRO A 25 0.58 -4.77 -18.11
C PRO A 25 1.97 -4.37 -18.63
ZN ZN B . 0.77 1.73 -1.91
N ASN A 1 -4.54 -6.81 15.09
CA ASN A 1 -3.55 -5.79 14.66
C ASN A 1 -3.44 -5.76 13.14
N ARG A 2 -4.57 -5.92 12.47
CA ARG A 2 -4.58 -5.90 11.01
C ARG A 2 -5.24 -4.62 10.50
N SER A 3 -5.06 -3.55 11.25
CA SER A 3 -5.65 -2.27 10.91
C SER A 3 -4.57 -1.22 10.71
N GLY A 4 -3.39 -1.67 10.30
CA GLY A 4 -2.29 -0.76 10.09
C GLY A 4 -1.77 -0.78 8.66
N ASP A 5 -2.33 -1.67 7.85
CA ASP A 5 -1.93 -1.79 6.46
C ASP A 5 -2.59 -0.72 5.61
N THR A 6 -2.17 0.51 5.82
CA THR A 6 -2.68 1.63 5.08
C THR A 6 -1.56 2.33 4.32
N CYS A 7 -1.63 2.30 3.01
CA CYS A 7 -0.60 2.88 2.18
C CYS A 7 -0.94 4.33 1.87
N PHE A 8 -0.36 5.25 2.63
CA PHE A 8 -0.66 6.68 2.47
C PHE A 8 0.00 7.25 1.23
N ARG A 9 0.81 6.45 0.54
CA ARG A 9 1.50 6.91 -0.65
C ARG A 9 0.60 6.85 -1.88
N CYS A 10 -0.17 5.77 -2.00
CA CYS A 10 -1.06 5.61 -3.14
C CYS A 10 -2.52 5.74 -2.73
N GLY A 11 -2.77 5.61 -1.43
CA GLY A 11 -4.11 5.72 -0.92
C GLY A 11 -4.82 4.38 -0.83
N GLY A 12 -4.12 3.31 -1.17
CA GLY A 12 -4.73 1.99 -1.12
C GLY A 12 -4.47 1.29 0.19
N MET A 13 -5.33 0.37 0.56
CA MET A 13 -5.15 -0.41 1.77
C MET A 13 -4.72 -1.83 1.42
N GLY A 14 -3.83 -2.39 2.21
CA GLY A 14 -3.34 -3.72 1.94
C GLY A 14 -1.83 -3.79 1.96
N HIS A 15 -1.18 -2.73 1.53
CA HIS A 15 0.27 -2.69 1.52
C HIS A 15 0.80 -1.45 2.20
N TRP A 16 2.08 -1.46 2.49
CA TRP A 16 2.74 -0.38 3.21
C TRP A 16 3.18 0.70 2.24
N ALA A 17 3.38 1.91 2.76
CA ALA A 17 3.63 3.11 1.98
C ALA A 17 4.60 2.90 0.81
N SER A 18 5.78 2.37 1.09
CA SER A 18 6.82 2.29 0.08
C SER A 18 6.85 0.91 -0.59
N GLN A 19 5.70 0.25 -0.66
CA GLN A 19 5.62 -1.06 -1.27
C GLN A 19 4.55 -1.12 -2.35
N CYS A 20 4.28 0.03 -2.98
CA CYS A 20 3.29 0.11 -4.04
C CYS A 20 3.65 -0.84 -5.18
N PRO A 21 2.67 -1.56 -5.74
CA PRO A 21 2.92 -2.51 -6.82
C PRO A 21 3.51 -1.83 -8.06
N GLY A 22 4.68 -2.29 -8.46
CA GLY A 22 5.34 -1.69 -9.61
C GLY A 22 5.24 -2.56 -10.84
N SER A 23 5.02 -3.85 -10.64
CA SER A 23 4.89 -4.79 -11.74
C SER A 23 3.46 -4.80 -12.25
N VAL A 24 2.95 -3.62 -12.57
CA VAL A 24 1.60 -3.46 -13.06
C VAL A 24 1.58 -2.79 -14.43
N PRO A 25 0.73 -3.28 -15.33
CA PRO A 25 0.58 -2.71 -16.67
C PRO A 25 -0.25 -1.42 -16.66
ZN ZN B . 0.78 1.84 -2.18
N ASN A 1 -10.25 -4.77 13.50
CA ASN A 1 -8.78 -4.62 13.55
C ASN A 1 -8.10 -5.56 12.57
N ARG A 2 -6.77 -5.53 12.56
CA ARG A 2 -5.95 -6.37 11.68
C ARG A 2 -6.20 -6.02 10.22
N SER A 3 -6.46 -4.74 9.98
CA SER A 3 -6.66 -4.22 8.64
C SER A 3 -6.22 -2.76 8.60
N GLY A 4 -5.15 -2.45 9.31
CA GLY A 4 -4.65 -1.10 9.36
C GLY A 4 -3.44 -0.91 8.47
N ASP A 5 -3.35 -1.72 7.43
CA ASP A 5 -2.26 -1.61 6.46
C ASP A 5 -2.60 -0.57 5.42
N THR A 6 -2.59 0.68 5.86
CA THR A 6 -2.97 1.78 4.99
C THR A 6 -1.75 2.35 4.29
N CYS A 7 -1.84 2.45 2.98
CA CYS A 7 -0.73 2.97 2.20
C CYS A 7 -0.95 4.44 1.93
N PHE A 8 -0.33 5.27 2.75
CA PHE A 8 -0.56 6.72 2.74
C PHE A 8 0.03 7.40 1.52
N ARG A 9 0.71 6.65 0.67
CA ARG A 9 1.37 7.22 -0.49
C ARG A 9 0.54 7.05 -1.76
N CYS A 10 -0.15 5.92 -1.88
CA CYS A 10 -0.96 5.68 -3.07
C CYS A 10 -2.45 5.76 -2.74
N GLY A 11 -2.79 5.61 -1.46
CA GLY A 11 -4.17 5.68 -1.05
C GLY A 11 -4.83 4.33 -0.94
N GLY A 12 -4.11 3.28 -1.30
CA GLY A 12 -4.67 1.94 -1.23
C GLY A 12 -4.51 1.32 0.15
N MET A 13 -5.16 0.18 0.35
CA MET A 13 -5.08 -0.53 1.62
C MET A 13 -4.62 -1.96 1.38
N GLY A 14 -3.83 -2.49 2.30
CA GLY A 14 -3.33 -3.83 2.16
C GLY A 14 -1.82 -3.88 2.06
N HIS A 15 -1.22 -2.73 1.76
CA HIS A 15 0.22 -2.63 1.66
C HIS A 15 0.69 -1.28 2.15
N TRP A 16 2.01 -1.14 2.26
CA TRP A 16 2.61 0.08 2.75
C TRP A 16 3.46 0.74 1.68
N ALA A 17 3.81 1.99 1.93
CA ALA A 17 4.47 2.88 0.95
C ALA A 17 5.57 2.21 0.12
N SER A 18 6.39 1.39 0.75
CA SER A 18 7.57 0.84 0.08
C SER A 18 7.23 -0.40 -0.75
N GLN A 19 5.95 -0.75 -0.83
CA GLN A 19 5.54 -1.95 -1.55
C GLN A 19 4.40 -1.67 -2.53
N CYS A 20 4.31 -0.43 -3.02
CA CYS A 20 3.30 -0.08 -4.01
C CYS A 20 3.51 -0.89 -5.30
N PRO A 21 2.52 -1.72 -5.69
CA PRO A 21 2.60 -2.53 -6.92
C PRO A 21 2.79 -1.66 -8.16
N GLY A 22 3.85 -1.93 -8.89
CA GLY A 22 4.14 -1.19 -10.10
C GLY A 22 4.93 -1.99 -11.10
N SER A 23 5.87 -2.78 -10.59
CA SER A 23 6.68 -3.64 -11.43
C SER A 23 5.97 -4.98 -11.65
N VAL A 24 5.06 -5.30 -10.75
CA VAL A 24 4.27 -6.51 -10.83
C VAL A 24 2.98 -6.35 -10.01
N PRO A 25 1.83 -6.81 -10.53
CA PRO A 25 0.57 -6.78 -9.79
C PRO A 25 0.47 -7.91 -8.77
ZN ZN B . 0.82 1.74 -2.05
N ASN A 1 -6.10 -10.79 9.87
CA ASN A 1 -6.07 -10.22 8.51
C ASN A 1 -4.96 -9.18 8.38
N ARG A 2 -3.91 -9.53 7.66
CA ARG A 2 -2.78 -8.64 7.47
C ARG A 2 -3.00 -7.79 6.21
N SER A 3 -4.13 -7.13 6.16
CA SER A 3 -4.46 -6.25 5.04
C SER A 3 -5.24 -5.05 5.54
N GLY A 4 -5.07 -4.72 6.81
CA GLY A 4 -5.79 -3.60 7.39
C GLY A 4 -4.91 -2.38 7.57
N ASP A 5 -3.82 -2.35 6.84
CA ASP A 5 -2.88 -1.24 6.94
C ASP A 5 -3.09 -0.27 5.79
N THR A 6 -3.11 1.02 6.10
CA THR A 6 -3.38 2.03 5.10
C THR A 6 -2.09 2.49 4.42
N CYS A 7 -2.13 2.60 3.11
CA CYS A 7 -0.97 3.01 2.34
C CYS A 7 -1.10 4.49 1.98
N PHE A 8 -0.45 5.34 2.76
CA PHE A 8 -0.61 6.79 2.63
C PHE A 8 0.06 7.34 1.38
N ARG A 9 0.72 6.49 0.62
CA ARG A 9 1.39 6.94 -0.60
C ARG A 9 0.45 6.85 -1.80
N CYS A 10 -0.14 5.68 -2.01
CA CYS A 10 -1.00 5.49 -3.17
C CYS A 10 -2.46 5.70 -2.80
N GLY A 11 -2.76 5.66 -1.51
CA GLY A 11 -4.12 5.81 -1.05
C GLY A 11 -4.80 4.46 -0.84
N GLY A 12 -4.15 3.40 -1.32
CA GLY A 12 -4.73 2.08 -1.21
C GLY A 12 -4.56 1.48 0.16
N MET A 13 -5.09 0.28 0.34
CA MET A 13 -4.97 -0.42 1.62
C MET A 13 -4.44 -1.83 1.37
N GLY A 14 -3.76 -2.38 2.36
CA GLY A 14 -3.33 -3.76 2.26
C GLY A 14 -1.84 -3.89 2.08
N HIS A 15 -1.17 -2.81 1.72
CA HIS A 15 0.27 -2.84 1.55
C HIS A 15 0.92 -1.60 2.14
N TRP A 16 2.22 -1.71 2.38
CA TRP A 16 2.99 -0.64 2.98
C TRP A 16 3.40 0.38 1.95
N ALA A 17 3.56 1.62 2.42
CA ALA A 17 3.83 2.77 1.59
C ALA A 17 5.04 2.62 0.67
N SER A 18 5.96 1.75 1.03
CA SER A 18 7.17 1.56 0.23
C SER A 18 7.06 0.30 -0.64
N GLN A 19 5.84 -0.19 -0.82
CA GLN A 19 5.61 -1.38 -1.61
C GLN A 19 4.47 -1.20 -2.60
N CYS A 20 4.25 0.05 -3.03
CA CYS A 20 3.21 0.34 -4.00
C CYS A 20 3.53 -0.32 -5.34
N PRO A 21 2.62 -1.16 -5.86
CA PRO A 21 2.80 -1.80 -7.17
C PRO A 21 3.01 -0.76 -8.26
N GLY A 22 4.14 -0.83 -8.94
CA GLY A 22 4.46 0.14 -9.97
C GLY A 22 4.30 -0.42 -11.36
N SER A 23 4.46 -1.73 -11.48
CA SER A 23 4.33 -2.41 -12.76
C SER A 23 2.86 -2.64 -13.11
N VAL A 24 2.12 -1.54 -13.20
CA VAL A 24 0.71 -1.59 -13.56
C VAL A 24 0.46 -0.68 -14.76
N PRO A 25 0.31 -1.26 -15.96
CA PRO A 25 0.05 -0.49 -17.18
C PRO A 25 -1.31 0.20 -17.14
ZN ZN B . 0.70 1.73 -1.82
N ASN A 1 -16.00 -2.22 5.73
CA ASN A 1 -14.71 -1.51 5.63
C ASN A 1 -13.63 -2.22 6.43
N ARG A 2 -12.43 -2.31 5.87
CA ARG A 2 -11.31 -2.95 6.56
C ARG A 2 -10.22 -1.93 6.83
N SER A 3 -9.34 -2.23 7.77
CA SER A 3 -8.28 -1.30 8.14
C SER A 3 -7.04 -2.06 8.60
N GLY A 4 -5.91 -1.37 8.63
CA GLY A 4 -4.68 -1.97 9.07
C GLY A 4 -3.50 -1.52 8.23
N ASP A 5 -3.39 -2.09 7.05
CA ASP A 5 -2.30 -1.74 6.13
C ASP A 5 -2.65 -0.46 5.39
N THR A 6 -2.37 0.67 6.02
CA THR A 6 -2.67 1.97 5.45
C THR A 6 -1.50 2.47 4.61
N CYS A 7 -1.75 2.62 3.31
CA CYS A 7 -0.72 3.07 2.39
C CYS A 7 -0.97 4.52 1.99
N PHE A 8 -0.28 5.46 2.63
CA PHE A 8 -0.55 6.88 2.42
C PHE A 8 -0.03 7.38 1.08
N ARG A 9 0.85 6.62 0.44
CA ARG A 9 1.44 7.04 -0.83
C ARG A 9 0.45 6.88 -1.98
N CYS A 10 -0.20 5.74 -2.04
CA CYS A 10 -1.12 5.48 -3.14
C CYS A 10 -2.57 5.67 -2.69
N GLY A 11 -2.77 5.68 -1.37
CA GLY A 11 -4.09 5.82 -0.82
C GLY A 11 -4.82 4.49 -0.71
N GLY A 12 -4.10 3.42 -1.05
CA GLY A 12 -4.71 2.11 -1.05
C GLY A 12 -4.50 1.38 0.26
N MET A 13 -5.16 0.24 0.38
CA MET A 13 -5.04 -0.60 1.55
C MET A 13 -4.43 -1.95 1.16
N GLY A 14 -3.87 -2.64 2.13
CA GLY A 14 -3.37 -3.98 1.87
C GLY A 14 -1.86 -4.03 1.83
N HIS A 15 -1.23 -2.87 1.67
CA HIS A 15 0.21 -2.81 1.64
C HIS A 15 0.71 -1.50 2.23
N TRP A 16 2.01 -1.42 2.45
CA TRP A 16 2.60 -0.25 3.08
C TRP A 16 3.29 0.63 2.04
N ALA A 17 3.54 1.87 2.43
CA ALA A 17 3.99 2.93 1.53
C ALA A 17 5.10 2.51 0.56
N SER A 18 6.12 1.85 1.06
CA SER A 18 7.28 1.54 0.25
C SER A 18 7.07 0.30 -0.63
N GLN A 19 5.86 -0.28 -0.59
CA GLN A 19 5.64 -1.52 -1.34
C GLN A 19 4.55 -1.34 -2.39
N CYS A 20 4.25 -0.09 -2.76
CA CYS A 20 3.30 0.19 -3.84
C CYS A 20 3.74 -0.54 -5.12
N PRO A 21 2.85 -1.29 -5.76
CA PRO A 21 3.15 -1.93 -7.04
C PRO A 21 3.61 -0.92 -8.08
N GLY A 22 4.83 -1.11 -8.59
CA GLY A 22 5.36 -0.18 -9.57
C GLY A 22 6.17 0.94 -8.94
N SER A 23 6.47 0.81 -7.65
CA SER A 23 7.26 1.82 -6.95
C SER A 23 8.74 1.46 -7.01
N VAL A 24 9.02 0.18 -7.24
CA VAL A 24 10.39 -0.30 -7.34
C VAL A 24 10.63 -0.89 -8.73
N PRO A 25 11.16 -0.07 -9.66
CA PRO A 25 11.49 -0.53 -11.01
C PRO A 25 12.63 -1.54 -11.01
ZN ZN B . 0.70 1.70 -1.83
N ASN A 1 -11.49 -3.78 9.27
CA ASN A 1 -11.48 -3.03 8.00
C ASN A 1 -10.19 -3.29 7.24
N ARG A 2 -9.05 -2.97 7.85
CA ARG A 2 -7.75 -3.15 7.22
C ARG A 2 -6.64 -3.14 8.27
N SER A 3 -6.96 -3.67 9.45
CA SER A 3 -6.04 -3.70 10.61
C SER A 3 -5.36 -2.34 10.83
N GLY A 4 -4.19 -2.18 10.25
CA GLY A 4 -3.49 -0.91 10.31
C GLY A 4 -2.58 -0.76 9.12
N ASP A 5 -2.85 -1.55 8.09
CA ASP A 5 -2.02 -1.61 6.91
C ASP A 5 -2.53 -0.64 5.85
N THR A 6 -2.32 0.64 6.10
CA THR A 6 -2.82 1.68 5.22
C THR A 6 -1.67 2.30 4.44
N CYS A 7 -1.83 2.37 3.13
CA CYS A 7 -0.80 2.91 2.27
C CYS A 7 -1.12 4.35 1.88
N PHE A 8 -0.53 5.28 2.60
CA PHE A 8 -0.77 6.70 2.36
C PHE A 8 -0.03 7.20 1.11
N ARG A 9 0.83 6.35 0.55
CA ARG A 9 1.63 6.72 -0.62
C ARG A 9 0.82 6.59 -1.91
N CYS A 10 -0.20 5.74 -1.90
CA CYS A 10 -1.04 5.58 -3.08
C CYS A 10 -2.52 5.73 -2.72
N GLY A 11 -2.81 5.76 -1.42
CA GLY A 11 -4.18 5.88 -0.97
C GLY A 11 -4.87 4.54 -0.85
N GLY A 12 -4.13 3.47 -1.16
CA GLY A 12 -4.70 2.15 -1.11
C GLY A 12 -4.56 1.50 0.25
N MET A 13 -5.08 0.30 0.38
CA MET A 13 -5.00 -0.45 1.62
C MET A 13 -4.45 -1.84 1.37
N GLY A 14 -3.82 -2.42 2.36
CA GLY A 14 -3.32 -3.77 2.23
C GLY A 14 -1.81 -3.82 2.20
N HIS A 15 -1.20 -2.86 1.54
CA HIS A 15 0.25 -2.81 1.45
C HIS A 15 0.77 -1.53 2.07
N TRP A 16 2.07 -1.51 2.35
CA TRP A 16 2.67 -0.38 3.04
C TRP A 16 3.31 0.59 2.04
N ALA A 17 3.60 1.78 2.54
CA ALA A 17 4.07 2.91 1.75
C ALA A 17 5.17 2.53 0.75
N SER A 18 6.22 1.88 1.23
CA SER A 18 7.37 1.56 0.38
C SER A 18 7.19 0.22 -0.35
N GLN A 19 5.94 -0.12 -0.65
CA GLN A 19 5.64 -1.35 -1.37
C GLN A 19 4.57 -1.15 -2.45
N CYS A 20 4.40 0.08 -2.90
CA CYS A 20 3.44 0.37 -3.97
C CYS A 20 3.85 -0.33 -5.25
N PRO A 21 2.98 -1.18 -5.82
CA PRO A 21 3.25 -1.84 -7.10
C PRO A 21 3.42 -0.84 -8.23
N GLY A 22 4.59 -0.88 -8.86
CA GLY A 22 4.88 0.02 -9.96
C GLY A 22 5.65 -0.68 -11.05
N SER A 23 6.64 -1.47 -10.64
CA SER A 23 7.43 -2.26 -11.58
C SER A 23 6.68 -3.54 -11.95
N VAL A 24 5.45 -3.38 -12.41
CA VAL A 24 4.62 -4.50 -12.80
C VAL A 24 4.86 -4.86 -14.27
N PRO A 25 4.86 -6.15 -14.60
CA PRO A 25 5.07 -6.60 -15.98
C PRO A 25 3.85 -6.32 -16.85
ZN ZN B . 0.80 1.80 -1.96
N ASN A 1 -0.77 -5.61 16.67
CA ASN A 1 -0.14 -4.47 15.95
C ASN A 1 -0.30 -4.62 14.45
N ARG A 2 -0.79 -5.77 14.00
CA ARG A 2 -0.96 -6.04 12.58
C ARG A 2 -2.27 -5.44 12.06
N SER A 3 -2.34 -4.12 12.06
CA SER A 3 -3.49 -3.42 11.49
C SER A 3 -3.02 -2.15 10.80
N GLY A 4 -1.71 -2.08 10.57
CA GLY A 4 -1.13 -0.89 9.98
C GLY A 4 -0.85 -1.04 8.51
N ASP A 5 -1.56 -1.95 7.86
CA ASP A 5 -1.41 -2.14 6.42
C ASP A 5 -2.25 -1.12 5.68
N THR A 6 -1.80 0.12 5.78
CA THR A 6 -2.43 1.25 5.11
C THR A 6 -1.39 2.01 4.32
N CYS A 7 -1.73 2.37 3.11
CA CYS A 7 -0.77 2.97 2.22
C CYS A 7 -1.15 4.41 1.90
N PHE A 8 -0.55 5.34 2.62
CA PHE A 8 -0.82 6.77 2.44
C PHE A 8 -0.06 7.32 1.24
N ARG A 9 0.70 6.46 0.58
CA ARG A 9 1.47 6.88 -0.59
C ARG A 9 0.63 6.80 -1.85
N CYS A 10 -0.14 5.72 -2.00
CA CYS A 10 -0.99 5.56 -3.17
C CYS A 10 -2.45 5.81 -2.81
N GLY A 11 -2.76 5.68 -1.52
CA GLY A 11 -4.13 5.86 -1.07
C GLY A 11 -4.83 4.53 -0.83
N GLY A 12 -4.19 3.44 -1.23
CA GLY A 12 -4.79 2.14 -1.09
C GLY A 12 -4.57 1.55 0.29
N MET A 13 -5.08 0.35 0.50
CA MET A 13 -4.90 -0.36 1.75
C MET A 13 -4.56 -1.81 1.48
N GLY A 14 -3.77 -2.41 2.36
CA GLY A 14 -3.37 -3.79 2.18
C GLY A 14 -1.87 -3.93 2.08
N HIS A 15 -1.21 -2.89 1.59
CA HIS A 15 0.24 -2.91 1.46
C HIS A 15 0.87 -1.70 2.12
N TRP A 16 2.18 -1.77 2.30
CA TRP A 16 2.91 -0.73 3.00
C TRP A 16 3.28 0.42 2.08
N ALA A 17 3.40 1.60 2.68
CA ALA A 17 3.59 2.86 1.96
C ALA A 17 4.63 2.76 0.84
N SER A 18 5.82 2.29 1.15
CA SER A 18 6.91 2.29 0.18
C SER A 18 6.95 1.02 -0.65
N GLN A 19 5.85 0.27 -0.66
CA GLN A 19 5.81 -1.01 -1.36
C GLN A 19 4.72 -1.07 -2.42
N CYS A 20 4.34 0.10 -2.94
CA CYS A 20 3.35 0.17 -4.01
C CYS A 20 3.83 -0.63 -5.22
N PRO A 21 3.04 -1.64 -5.66
CA PRO A 21 3.43 -2.50 -6.77
C PRO A 21 3.36 -1.78 -8.12
N GLY A 22 4.32 -2.08 -8.99
CA GLY A 22 4.39 -1.44 -10.28
C GLY A 22 3.41 -2.02 -11.27
N SER A 23 2.73 -3.09 -10.87
CA SER A 23 1.72 -3.72 -11.69
C SER A 23 0.57 -2.77 -11.98
N VAL A 24 0.18 -2.00 -10.97
CA VAL A 24 -0.89 -1.02 -11.13
C VAL A 24 -0.32 0.32 -11.58
N PRO A 25 -1.14 1.20 -12.16
CA PRO A 25 -0.70 2.52 -12.64
C PRO A 25 -0.52 3.51 -11.49
ZN ZN B . 0.70 1.71 -2.02
N ASN A 1 -9.02 -7.56 12.10
CA ASN A 1 -8.67 -6.13 12.26
C ASN A 1 -7.39 -5.81 11.49
N ARG A 2 -6.30 -6.46 11.86
CA ARG A 2 -5.03 -6.24 11.19
C ARG A 2 -4.96 -7.08 9.91
N SER A 3 -5.10 -6.41 8.77
CA SER A 3 -4.98 -7.08 7.48
C SER A 3 -4.10 -6.23 6.57
N GLY A 4 -2.99 -5.77 7.12
CA GLY A 4 -2.11 -4.90 6.39
C GLY A 4 -2.20 -3.47 6.90
N ASP A 5 -1.54 -2.54 6.22
CA ASP A 5 -1.53 -1.15 6.66
C ASP A 5 -2.16 -0.27 5.57
N THR A 6 -2.69 0.88 5.96
CA THR A 6 -3.28 1.79 5.01
C THR A 6 -2.21 2.62 4.33
N CYS A 7 -2.09 2.43 3.03
CA CYS A 7 -0.97 2.94 2.28
C CYS A 7 -1.20 4.41 1.92
N PHE A 8 -0.60 5.30 2.72
CA PHE A 8 -0.80 6.74 2.55
C PHE A 8 -0.03 7.28 1.33
N ARG A 9 0.71 6.41 0.67
CA ARG A 9 1.50 6.82 -0.48
C ARG A 9 0.68 6.75 -1.76
N CYS A 10 -0.14 5.72 -1.89
CA CYS A 10 -0.94 5.54 -3.10
C CYS A 10 -2.42 5.72 -2.81
N GLY A 11 -2.78 5.66 -1.54
CA GLY A 11 -4.17 5.81 -1.16
C GLY A 11 -4.88 4.49 -1.00
N GLY A 12 -4.19 3.40 -1.32
CA GLY A 12 -4.78 2.08 -1.19
C GLY A 12 -4.63 1.53 0.20
N MET A 13 -5.18 0.36 0.46
CA MET A 13 -5.05 -0.26 1.76
C MET A 13 -4.66 -1.73 1.60
N GLY A 14 -3.73 -2.18 2.43
CA GLY A 14 -3.29 -3.55 2.37
C GLY A 14 -1.78 -3.67 2.36
N HIS A 15 -1.13 -2.89 1.51
CA HIS A 15 0.32 -2.97 1.37
C HIS A 15 1.01 -1.79 2.04
N TRP A 16 2.32 -1.92 2.20
CA TRP A 16 3.12 -0.91 2.87
C TRP A 16 3.47 0.23 1.92
N ALA A 17 3.55 1.42 2.51
CA ALA A 17 3.74 2.67 1.78
C ALA A 17 4.94 2.66 0.83
N SER A 18 5.95 1.87 1.13
CA SER A 18 7.15 1.83 0.31
C SER A 18 7.15 0.63 -0.64
N GLN A 19 5.99 -0.03 -0.75
CA GLN A 19 5.88 -1.22 -1.59
C GLN A 19 4.74 -1.07 -2.59
N CYS A 20 4.46 0.17 -2.99
CA CYS A 20 3.41 0.42 -3.97
C CYS A 20 3.73 -0.27 -5.28
N PRO A 21 2.70 -0.81 -5.97
CA PRO A 21 2.90 -1.52 -7.23
C PRO A 21 3.38 -0.59 -8.35
N GLY A 22 4.33 -1.06 -9.13
CA GLY A 22 4.86 -0.28 -10.23
C GLY A 22 3.95 -0.30 -11.44
N SER A 23 2.93 -1.14 -11.36
CA SER A 23 1.95 -1.25 -12.43
C SER A 23 1.09 0.01 -12.52
N VAL A 24 1.39 0.85 -13.49
CA VAL A 24 0.65 2.09 -13.70
C VAL A 24 -0.55 1.85 -14.60
N PRO A 25 -1.61 2.68 -14.47
CA PRO A 25 -2.78 2.60 -15.33
C PRO A 25 -2.46 2.94 -16.78
ZN ZN B . 0.83 1.77 -1.85
N ASN A 1 -9.70 -8.84 9.49
CA ASN A 1 -10.57 -8.07 10.43
C ASN A 1 -9.76 -7.10 11.28
N ARG A 2 -8.48 -7.41 11.48
CA ARG A 2 -7.60 -6.58 12.28
C ARG A 2 -6.34 -6.23 11.49
N SER A 3 -6.52 -5.67 10.31
CA SER A 3 -5.40 -5.32 9.45
C SER A 3 -5.44 -3.84 9.09
N GLY A 4 -4.63 -3.03 9.79
CA GLY A 4 -4.57 -1.62 9.48
C GLY A 4 -3.39 -1.29 8.58
N ASP A 5 -3.17 -2.14 7.58
CA ASP A 5 -2.10 -1.92 6.62
C ASP A 5 -2.53 -0.86 5.61
N THR A 6 -2.19 0.39 5.90
CA THR A 6 -2.58 1.49 5.05
C THR A 6 -1.39 2.07 4.30
N CYS A 7 -1.60 2.42 3.05
CA CYS A 7 -0.55 2.96 2.22
C CYS A 7 -0.82 4.43 1.94
N PHE A 8 -0.19 5.30 2.70
CA PHE A 8 -0.38 6.73 2.56
C PHE A 8 0.26 7.30 1.30
N ARG A 9 0.83 6.42 0.46
CA ARG A 9 1.42 6.86 -0.79
C ARG A 9 0.41 6.82 -1.93
N CYS A 10 -0.38 5.75 -1.98
CA CYS A 10 -1.33 5.57 -3.08
C CYS A 10 -2.77 5.65 -2.58
N GLY A 11 -2.94 5.59 -1.27
CA GLY A 11 -4.26 5.59 -0.68
C GLY A 11 -4.86 4.21 -0.64
N GLY A 12 -4.17 3.24 -1.23
CA GLY A 12 -4.69 1.89 -1.30
C GLY A 12 -4.44 1.13 -0.02
N MET A 13 -5.41 0.35 0.39
CA MET A 13 -5.29 -0.39 1.64
C MET A 13 -4.84 -1.81 1.35
N GLY A 14 -3.94 -2.32 2.18
CA GLY A 14 -3.44 -3.65 1.99
C GLY A 14 -1.93 -3.71 1.98
N HIS A 15 -1.29 -2.63 1.55
CA HIS A 15 0.16 -2.59 1.50
C HIS A 15 0.69 -1.30 2.10
N TRP A 16 2.00 -1.25 2.29
CA TRP A 16 2.65 -0.10 2.91
C TRP A 16 3.53 0.63 1.91
N ALA A 17 3.92 1.84 2.27
CA ALA A 17 4.67 2.75 1.40
C ALA A 17 5.80 2.07 0.63
N SER A 18 6.60 1.27 1.32
CA SER A 18 7.82 0.70 0.73
C SER A 18 7.53 -0.44 -0.25
N GLN A 19 6.25 -0.79 -0.41
CA GLN A 19 5.87 -1.85 -1.34
C GLN A 19 4.84 -1.33 -2.33
N CYS A 20 4.87 -0.04 -2.57
CA CYS A 20 3.89 0.60 -3.43
C CYS A 20 4.23 0.35 -4.90
N PRO A 21 3.22 -0.02 -5.72
CA PRO A 21 3.45 -0.32 -7.14
C PRO A 21 3.81 0.93 -7.93
N GLY A 22 4.95 0.88 -8.59
CA GLY A 22 5.40 2.01 -9.37
C GLY A 22 6.90 2.17 -9.32
N SER A 23 7.61 1.05 -9.29
CA SER A 23 9.05 1.06 -9.26
C SER A 23 9.59 0.02 -10.24
N VAL A 24 9.18 0.14 -11.48
CA VAL A 24 9.59 -0.80 -12.51
C VAL A 24 10.80 -0.25 -13.27
N PRO A 25 11.63 -1.13 -13.86
CA PRO A 25 12.81 -0.73 -14.61
C PRO A 25 12.44 -0.19 -15.98
ZN ZN B . 0.69 1.91 -2.17
N ASN A 1 -6.59 -11.44 8.59
CA ASN A 1 -6.53 -11.81 10.02
C ASN A 1 -6.05 -10.62 10.84
N ARG A 2 -4.81 -10.20 10.61
CA ARG A 2 -4.24 -9.05 11.30
C ARG A 2 -3.26 -8.33 10.38
N SER A 3 -3.81 -7.80 9.29
CA SER A 3 -3.01 -7.07 8.31
C SER A 3 -3.92 -6.11 7.54
N GLY A 4 -3.35 -5.41 6.57
CA GLY A 4 -4.13 -4.45 5.80
C GLY A 4 -3.88 -3.04 6.26
N ASP A 5 -2.62 -2.60 6.17
CA ASP A 5 -2.24 -1.26 6.60
C ASP A 5 -2.61 -0.24 5.54
N THR A 6 -2.85 0.99 5.96
CA THR A 6 -3.24 2.04 5.05
C THR A 6 -2.01 2.65 4.38
N CYS A 7 -1.98 2.55 3.07
CA CYS A 7 -0.84 3.00 2.30
C CYS A 7 -1.04 4.46 1.92
N PHE A 8 -0.46 5.35 2.71
CA PHE A 8 -0.70 6.79 2.58
C PHE A 8 0.04 7.41 1.39
N ARG A 9 0.68 6.57 0.58
CA ARG A 9 1.38 7.06 -0.59
C ARG A 9 0.56 6.89 -1.86
N CYS A 10 -0.20 5.80 -1.94
CA CYS A 10 -1.00 5.55 -3.12
C CYS A 10 -2.49 5.72 -2.81
N GLY A 11 -2.84 5.61 -1.54
CA GLY A 11 -4.22 5.73 -1.14
C GLY A 11 -4.89 4.39 -0.91
N GLY A 12 -4.23 3.33 -1.37
CA GLY A 12 -4.77 2.00 -1.22
C GLY A 12 -4.51 1.46 0.17
N MET A 13 -5.20 0.40 0.53
CA MET A 13 -4.96 -0.24 1.81
C MET A 13 -4.68 -1.72 1.57
N GLY A 14 -3.72 -2.25 2.28
CA GLY A 14 -3.35 -3.64 2.09
C GLY A 14 -1.85 -3.84 2.07
N HIS A 15 -1.13 -2.86 1.56
CA HIS A 15 0.32 -2.96 1.46
C HIS A 15 1.00 -1.79 2.13
N TRP A 16 2.29 -1.94 2.40
CA TRP A 16 3.07 -0.92 3.08
C TRP A 16 3.44 0.18 2.10
N ALA A 17 3.55 1.40 2.66
CA ALA A 17 3.71 2.62 1.88
C ALA A 17 4.86 2.59 0.89
N SER A 18 5.92 1.86 1.19
CA SER A 18 7.09 1.82 0.32
C SER A 18 7.07 0.57 -0.57
N GLN A 19 5.91 -0.05 -0.70
CA GLN A 19 5.80 -1.26 -1.51
C GLN A 19 4.65 -1.18 -2.49
N CYS A 20 4.37 0.04 -2.97
CA CYS A 20 3.32 0.24 -3.96
C CYS A 20 3.64 -0.54 -5.24
N PRO A 21 2.68 -1.33 -5.75
CA PRO A 21 2.91 -2.19 -6.91
C PRO A 21 2.95 -1.41 -8.22
N GLY A 22 3.76 -1.89 -9.16
CA GLY A 22 3.88 -1.23 -10.44
C GLY A 22 2.81 -1.67 -11.41
N SER A 23 1.62 -1.89 -10.90
CA SER A 23 0.48 -2.29 -11.72
C SER A 23 -0.09 -1.05 -12.42
N VAL A 24 0.12 0.10 -11.81
CA VAL A 24 -0.30 1.37 -12.38
C VAL A 24 0.89 2.31 -12.49
N PRO A 25 1.06 2.95 -13.65
CA PRO A 25 2.18 3.87 -13.90
C PRO A 25 2.12 5.11 -13.02
ZN ZN B . 0.80 1.74 -1.86
N ASN A 1 -12.24 -1.95 10.24
CA ASN A 1 -11.30 -2.42 11.28
C ASN A 1 -10.46 -3.57 10.75
N ARG A 2 -9.40 -3.92 11.49
CA ARG A 2 -8.46 -4.96 11.06
C ARG A 2 -7.83 -4.58 9.73
N SER A 3 -7.43 -3.33 9.64
CA SER A 3 -6.89 -2.79 8.40
C SER A 3 -5.84 -1.73 8.71
N GLY A 4 -4.88 -2.07 9.55
CA GLY A 4 -3.86 -1.13 9.96
C GLY A 4 -2.79 -0.92 8.91
N ASP A 5 -2.75 -1.80 7.92
CA ASP A 5 -1.76 -1.68 6.85
C ASP A 5 -2.28 -0.73 5.77
N THR A 6 -2.27 0.56 6.08
CA THR A 6 -2.74 1.57 5.16
C THR A 6 -1.59 2.21 4.40
N CYS A 7 -1.78 2.42 3.11
CA CYS A 7 -0.73 2.95 2.27
C CYS A 7 -1.02 4.40 1.91
N PHE A 8 -0.41 5.32 2.65
CA PHE A 8 -0.66 6.74 2.46
C PHE A 8 0.02 7.29 1.22
N ARG A 9 0.83 6.46 0.57
CA ARG A 9 1.56 6.92 -0.62
C ARG A 9 0.71 6.80 -1.88
N CYS A 10 -0.16 5.80 -1.93
CA CYS A 10 -1.03 5.64 -3.08
C CYS A 10 -2.49 5.82 -2.69
N GLY A 11 -2.78 5.68 -1.39
CA GLY A 11 -4.14 5.80 -0.92
C GLY A 11 -4.83 4.45 -0.85
N GLY A 12 -4.10 3.40 -1.20
CA GLY A 12 -4.67 2.06 -1.18
C GLY A 12 -4.56 1.42 0.19
N MET A 13 -5.02 0.18 0.29
CA MET A 13 -4.98 -0.54 1.54
C MET A 13 -4.44 -1.94 1.32
N GLY A 14 -3.85 -2.52 2.34
CA GLY A 14 -3.35 -3.87 2.24
C GLY A 14 -1.84 -3.92 2.18
N HIS A 15 -1.25 -2.85 1.67
CA HIS A 15 0.20 -2.76 1.58
C HIS A 15 0.68 -1.44 2.15
N TRP A 16 1.97 -1.33 2.34
CA TRP A 16 2.55 -0.16 2.97
C TRP A 16 3.21 0.77 1.97
N ALA A 17 3.44 1.99 2.45
CA ALA A 17 3.88 3.12 1.65
C ALA A 17 4.92 2.79 0.58
N SER A 18 5.96 2.05 0.95
CA SER A 18 7.08 1.84 0.04
C SER A 18 6.99 0.50 -0.67
N GLN A 19 5.79 -0.06 -0.78
CA GLN A 19 5.60 -1.34 -1.45
C GLN A 19 4.48 -1.28 -2.48
N CYS A 20 4.22 -0.08 -3.01
CA CYS A 20 3.19 0.09 -4.03
C CYS A 20 3.49 -0.76 -5.26
N PRO A 21 2.52 -1.58 -5.71
CA PRO A 21 2.64 -2.38 -6.94
C PRO A 21 3.01 -1.53 -8.15
N GLY A 22 3.86 -2.08 -9.00
CA GLY A 22 4.30 -1.34 -10.16
C GLY A 22 5.68 -0.76 -9.97
N SER A 23 6.57 -1.56 -9.38
CA SER A 23 7.94 -1.14 -9.12
C SER A 23 8.91 -2.02 -9.91
N VAL A 24 9.69 -1.39 -10.78
CA VAL A 24 10.59 -2.11 -11.67
C VAL A 24 11.65 -2.89 -10.88
N PRO A 25 11.95 -4.12 -11.33
CA PRO A 25 12.95 -4.98 -10.69
C PRO A 25 14.37 -4.45 -10.89
ZN ZN B . 0.71 1.78 -2.02
#